data_3CEI
#
_entry.id   3CEI
#
_cell.length_a   108.716
_cell.length_b   108.716
_cell.length_c   158.031
_cell.angle_alpha   90.00
_cell.angle_beta   90.00
_cell.angle_gamma   120.00
#
_symmetry.space_group_name_H-M   'P 63 2 2'
#
loop_
_entity.id
_entity.type
_entity.pdbx_description
1 polymer 'Superoxide dismutase'
2 non-polymer 'FE (III) ION'
3 non-polymer 'SULFATE ION'
4 water water
#
_entity_poly.entity_id   1
_entity_poly.type   'polypeptide(L)'
_entity_poly.pdbx_seq_one_letter_code
;MFTLRELPFAKDSMGDFLSPVAFDFHHGKHHQTYVNNLNNLIKGTDFEKSSLFAILTKSSGGVFNNAAQIYNHDFYWDCL
SPKATALSDELKGALEKDFGSLEKFKEDFIKSATTLFGSGWNWAAYNLDTQKIEIIQTSNAQTPVTDKKVPLLVVDVWEH
AYYIDHKNARPVYLEKFYGHINWHFVSQCYEWAKKEGLGSVDYYINELVHKKL
;
_entity_poly.pdbx_strand_id   A,B
#
loop_
_chem_comp.id
_chem_comp.type
_chem_comp.name
_chem_comp.formula
FE non-polymer 'FE (III) ION' 'Fe 3'
SO4 non-polymer 'SULFATE ION' 'O4 S -2'
#
# COMPACT_ATOMS: atom_id res chain seq x y z
N MET A 1 8.60 21.82 -13.82
CA MET A 1 8.79 22.52 -12.50
C MET A 1 7.42 22.67 -11.87
N PHE A 2 7.07 21.81 -10.92
CA PHE A 2 5.75 21.90 -10.32
C PHE A 2 5.72 22.32 -8.88
N THR A 3 4.55 22.79 -8.48
CA THR A 3 4.35 23.22 -7.11
C THR A 3 3.04 22.58 -6.59
N LEU A 4 3.02 22.26 -5.30
CA LEU A 4 1.86 21.64 -4.67
C LEU A 4 0.62 22.52 -4.75
N ARG A 5 -0.48 21.96 -5.24
CA ARG A 5 -1.71 22.73 -5.37
C ARG A 5 -2.29 23.08 -4.02
N GLU A 6 -3.07 24.15 -4.02
CA GLU A 6 -3.75 24.62 -2.83
C GLU A 6 -4.92 23.67 -2.60
N LEU A 7 -5.22 23.35 -1.33
CA LEU A 7 -6.35 22.49 -1.05
C LEU A 7 -7.59 23.30 -1.44
N PRO A 8 -8.55 22.68 -2.15
CA PRO A 8 -9.77 23.39 -2.58
C PRO A 8 -10.81 23.68 -1.51
N PHE A 9 -10.42 23.54 -0.25
CA PHE A 9 -11.35 23.78 0.87
C PHE A 9 -10.52 23.92 2.16
N ALA A 10 -11.18 24.30 3.26
CA ALA A 10 -10.50 24.49 4.54
C ALA A 10 -10.21 23.14 5.19
N LYS A 11 -9.06 23.05 5.85
CA LYS A 11 -8.67 21.82 6.51
C LYS A 11 -9.62 21.37 7.60
N ASP A 12 -10.41 22.30 8.13
CA ASP A 12 -11.37 21.97 9.18
C ASP A 12 -12.81 21.86 8.68
N SER A 13 -12.98 21.80 7.37
CA SER A 13 -14.32 21.77 6.81
C SER A 13 -14.91 20.39 6.60
N MET A 14 -14.12 19.33 6.83
CA MET A 14 -14.60 17.99 6.56
C MET A 14 -15.12 17.16 7.72
N GLY A 15 -15.74 17.81 8.70
CA GLY A 15 -16.32 17.11 9.84
C GLY A 15 -15.52 15.94 10.38
N ASP A 16 -16.19 14.81 10.59
CA ASP A 16 -15.55 13.60 11.11
C ASP A 16 -15.01 12.65 10.02
N PHE A 17 -14.95 13.15 8.80
CA PHE A 17 -14.45 12.37 7.69
C PHE A 17 -12.93 12.46 7.64
N LEU A 18 -12.43 13.69 7.58
CA LEU A 18 -11.00 13.93 7.56
C LEU A 18 -10.75 15.10 8.50
N SER A 19 -9.73 14.97 9.36
CA SER A 19 -9.39 16.02 10.33
C SER A 19 -8.29 16.92 9.78
N PRO A 20 -8.08 18.09 10.41
CA PRO A 20 -7.04 19.00 9.91
C PRO A 20 -5.66 18.33 9.87
N VAL A 21 -5.34 17.53 10.90
CA VAL A 21 -4.05 16.84 10.96
C VAL A 21 -3.90 15.88 9.78
N ALA A 22 -4.95 15.11 9.52
CA ALA A 22 -4.96 14.17 8.40
C ALA A 22 -4.53 14.94 7.14
N PHE A 23 -5.08 16.14 6.98
CA PHE A 23 -4.75 16.96 5.82
C PHE A 23 -3.30 17.42 5.88
N ASP A 24 -2.83 17.81 7.08
CA ASP A 24 -1.44 18.25 7.23
C ASP A 24 -0.50 17.18 6.68
N PHE A 25 -0.77 15.92 7.02
CA PHE A 25 0.07 14.83 6.55
C PHE A 25 -0.20 14.37 5.10
N HIS A 26 -1.46 14.13 4.76
CA HIS A 26 -1.75 13.64 3.42
C HIS A 26 -1.37 14.62 2.34
N HIS A 27 -1.85 15.85 2.47
CA HIS A 27 -1.54 16.89 1.50
C HIS A 27 -0.18 17.53 1.77
N GLY A 28 -0.03 18.03 2.99
CA GLY A 28 1.18 18.72 3.41
C GLY A 28 2.48 17.96 3.34
N LYS A 29 2.43 16.63 3.45
CA LYS A 29 3.64 15.82 3.38
C LYS A 29 3.66 14.79 2.24
N HIS A 30 2.68 13.89 2.18
CA HIS A 30 2.69 12.90 1.11
C HIS A 30 2.62 13.55 -0.27
N HIS A 31 1.58 14.35 -0.50
CA HIS A 31 1.41 15.02 -1.78
C HIS A 31 2.60 15.93 -2.04
N GLN A 32 3.00 16.69 -1.04
CA GLN A 32 4.16 17.58 -1.18
C GLN A 32 5.39 16.81 -1.63
N THR A 33 5.59 15.62 -1.05
CA THR A 33 6.74 14.81 -1.37
C THR A 33 6.77 14.32 -2.81
N TYR A 34 5.60 14.01 -3.36
CA TYR A 34 5.56 13.52 -4.75
C TYR A 34 5.95 14.67 -5.69
N VAL A 35 5.54 15.87 -5.35
CA VAL A 35 5.88 17.06 -6.12
C VAL A 35 7.40 17.24 -6.11
N ASN A 36 7.97 17.31 -4.91
CA ASN A 36 9.41 17.48 -4.75
C ASN A 36 10.16 16.35 -5.45
N ASN A 37 9.71 15.10 -5.30
CA ASN A 37 10.39 13.98 -5.94
C ASN A 37 10.39 14.12 -7.45
N LEU A 38 9.23 14.46 -8.03
CA LEU A 38 9.17 14.59 -9.48
C LEU A 38 10.11 15.70 -9.93
N ASN A 39 10.04 16.86 -9.29
CA ASN A 39 10.91 17.98 -9.67
C ASN A 39 12.37 17.52 -9.68
N ASN A 40 12.80 16.85 -8.62
CA ASN A 40 14.17 16.38 -8.53
C ASN A 40 14.52 15.33 -9.60
N LEU A 41 13.58 14.45 -9.91
CA LEU A 41 13.81 13.40 -10.89
C LEU A 41 13.90 13.85 -12.34
N ILE A 42 13.13 14.87 -12.71
CA ILE A 42 13.14 15.35 -14.10
C ILE A 42 14.27 16.34 -14.37
N LYS A 43 14.84 16.93 -13.33
CA LYS A 43 15.92 17.90 -13.50
C LYS A 43 17.00 17.32 -14.42
N GLY A 44 17.22 17.96 -15.56
CA GLY A 44 18.23 17.48 -16.49
C GLY A 44 17.82 16.33 -17.38
N THR A 45 16.51 16.15 -17.58
CA THR A 45 16.02 15.06 -18.44
C THR A 45 15.06 15.60 -19.47
N ASP A 46 14.60 14.71 -20.35
CA ASP A 46 13.66 15.02 -21.42
C ASP A 46 12.34 15.57 -20.91
N PHE A 47 12.03 15.27 -19.65
CA PHE A 47 10.80 15.71 -19.06
C PHE A 47 10.98 17.00 -18.28
N GLU A 48 12.21 17.50 -18.23
CA GLU A 48 12.46 18.73 -17.49
C GLU A 48 11.41 19.78 -17.81
N LYS A 49 11.30 20.16 -19.08
CA LYS A 49 10.35 21.18 -19.48
C LYS A 49 8.98 20.68 -19.90
N SER A 50 8.67 19.42 -19.61
CA SER A 50 7.37 18.87 -20.00
C SER A 50 6.24 19.20 -19.01
N SER A 51 5.01 19.07 -19.48
CA SER A 51 3.82 19.33 -18.65
C SER A 51 3.52 18.04 -17.89
N LEU A 52 2.79 18.16 -16.78
CA LEU A 52 2.48 16.98 -16.00
C LEU A 52 1.72 15.97 -16.86
N PHE A 53 0.76 16.45 -17.66
CA PHE A 53 -0.01 15.56 -18.52
C PHE A 53 0.95 14.80 -19.44
N ALA A 54 1.93 15.52 -19.96
CA ALA A 54 2.91 14.91 -20.84
C ALA A 54 3.64 13.79 -20.10
N ILE A 55 4.31 14.16 -19.00
CA ILE A 55 5.05 13.20 -18.18
C ILE A 55 4.16 12.05 -17.72
N LEU A 56 2.94 12.36 -17.32
CA LEU A 56 1.99 11.34 -16.85
C LEU A 56 1.66 10.27 -17.90
N THR A 57 1.40 10.71 -19.12
CA THR A 57 1.04 9.83 -20.23
C THR A 57 2.22 9.21 -20.96
N LYS A 58 3.44 9.70 -20.71
CA LYS A 58 4.58 9.17 -21.43
C LYS A 58 5.68 8.51 -20.60
N SER A 59 5.86 8.94 -19.35
CA SER A 59 6.92 8.38 -18.52
C SER A 59 6.62 7.02 -17.93
N SER A 60 7.56 6.53 -17.14
CA SER A 60 7.43 5.24 -16.46
C SER A 60 8.40 5.26 -15.29
N GLY A 61 8.49 4.13 -14.58
CA GLY A 61 9.37 4.06 -13.42
C GLY A 61 9.01 5.04 -12.32
N GLY A 62 10.02 5.50 -11.60
CA GLY A 62 9.80 6.45 -10.52
C GLY A 62 9.18 7.73 -11.00
N VAL A 63 9.64 8.22 -12.15
CA VAL A 63 9.10 9.45 -12.71
C VAL A 63 7.60 9.33 -12.82
N PHE A 64 7.13 8.19 -13.31
CA PHE A 64 5.72 7.97 -13.45
C PHE A 64 5.03 7.87 -12.10
N ASN A 65 5.61 7.08 -11.21
CA ASN A 65 5.02 6.92 -9.90
C ASN A 65 4.70 8.27 -9.31
N ASN A 66 5.69 9.15 -9.26
CA ASN A 66 5.49 10.48 -8.69
C ASN A 66 4.54 11.33 -9.52
N ALA A 67 4.72 11.33 -10.83
CA ALA A 67 3.85 12.14 -11.69
C ALA A 67 2.38 11.76 -11.48
N ALA A 68 2.09 10.47 -11.59
CA ALA A 68 0.75 9.94 -11.41
C ALA A 68 0.22 10.23 -10.00
N GLN A 69 1.05 10.02 -8.98
CA GLN A 69 0.57 10.29 -7.63
C GLN A 69 0.20 11.76 -7.48
N ILE A 70 0.92 12.66 -8.14
CA ILE A 70 0.59 14.08 -8.04
C ILE A 70 -0.81 14.31 -8.62
N TYR A 71 -1.05 13.71 -9.78
CA TYR A 71 -2.32 13.84 -10.45
C TYR A 71 -3.47 13.21 -9.65
N ASN A 72 -3.26 11.97 -9.23
CA ASN A 72 -4.26 11.23 -8.48
C ASN A 72 -4.74 12.01 -7.27
N HIS A 73 -3.82 12.62 -6.54
CA HIS A 73 -4.20 13.36 -5.36
C HIS A 73 -4.90 14.66 -5.71
N ASP A 74 -4.38 15.34 -6.74
CA ASP A 74 -5.00 16.59 -7.19
C ASP A 74 -6.47 16.28 -7.50
N PHE A 75 -6.69 15.20 -8.25
CA PHE A 75 -8.04 14.80 -8.64
C PHE A 75 -8.88 14.44 -7.42
N TYR A 76 -8.26 13.69 -6.51
CA TYR A 76 -8.93 13.27 -5.30
C TYR A 76 -9.44 14.48 -4.51
N TRP A 77 -8.57 15.48 -4.30
CA TRP A 77 -8.98 16.67 -3.55
C TRP A 77 -10.22 17.35 -4.18
N ASP A 78 -10.25 17.47 -5.52
CA ASP A 78 -11.41 18.09 -6.17
C ASP A 78 -12.69 17.22 -6.07
N CYS A 79 -12.54 15.94 -5.77
CA CYS A 79 -13.70 15.05 -5.64
C CYS A 79 -14.34 15.22 -4.27
N LEU A 80 -13.68 15.98 -3.40
CA LEU A 80 -14.19 16.21 -2.05
C LEU A 80 -14.85 17.56 -1.89
N SER A 81 -15.85 17.60 -1.01
CA SER A 81 -16.57 18.84 -0.75
C SER A 81 -17.08 18.91 0.69
N PRO A 82 -16.94 20.06 1.34
CA PRO A 82 -17.40 20.22 2.71
C PRO A 82 -18.84 19.74 2.87
N LYS A 83 -19.59 19.77 1.79
CA LYS A 83 -20.97 19.30 1.79
C LYS A 83 -21.16 18.75 0.39
N ALA A 84 -21.82 17.59 0.28
CA ALA A 84 -22.04 16.97 -1.03
C ALA A 84 -22.73 18.00 -1.93
N THR A 85 -22.30 18.07 -3.19
CA THR A 85 -22.91 18.99 -4.12
C THR A 85 -23.86 18.20 -5.04
N ALA A 86 -24.57 18.87 -5.93
CA ALA A 86 -25.54 18.20 -6.81
C ALA A 86 -25.00 17.56 -8.09
N LEU A 87 -25.73 16.56 -8.59
CA LEU A 87 -25.36 15.90 -9.83
C LEU A 87 -26.06 16.57 -11.00
N SER A 88 -25.41 16.58 -12.15
CA SER A 88 -26.02 17.14 -13.33
C SER A 88 -27.00 16.05 -13.78
N ASP A 89 -28.06 16.44 -14.47
CA ASP A 89 -29.02 15.46 -14.95
C ASP A 89 -28.37 14.44 -15.87
N GLU A 90 -27.37 14.87 -16.67
CA GLU A 90 -26.68 13.95 -17.57
C GLU A 90 -25.94 12.88 -16.77
N LEU A 91 -25.15 13.31 -15.79
CA LEU A 91 -24.39 12.36 -14.98
C LEU A 91 -25.38 11.42 -14.30
N LYS A 92 -26.40 11.98 -13.67
CA LYS A 92 -27.38 11.11 -13.03
C LYS A 92 -27.92 10.08 -14.03
N GLY A 93 -28.41 10.57 -15.17
CA GLY A 93 -28.94 9.67 -16.17
C GLY A 93 -27.94 8.60 -16.54
N ALA A 94 -26.70 9.02 -16.80
CA ALA A 94 -25.66 8.10 -17.19
C ALA A 94 -25.37 7.03 -16.12
N LEU A 95 -25.43 7.42 -14.85
CA LEU A 95 -25.15 6.50 -13.76
C LEU A 95 -26.30 5.51 -13.60
N GLU A 96 -27.52 6.00 -13.76
CA GLU A 96 -28.65 5.11 -13.64
C GLU A 96 -28.63 4.11 -14.79
N LYS A 97 -28.21 4.57 -15.96
CA LYS A 97 -28.15 3.68 -17.12
C LYS A 97 -27.07 2.63 -16.97
N ASP A 98 -25.87 3.05 -16.62
CA ASP A 98 -24.78 2.11 -16.48
C ASP A 98 -24.78 1.30 -15.19
N PHE A 99 -25.58 1.69 -14.20
CA PHE A 99 -25.60 0.97 -12.93
C PHE A 99 -26.97 0.63 -12.38
N GLY A 100 -28.01 1.11 -13.04
CA GLY A 100 -29.35 0.81 -12.59
C GLY A 100 -29.93 1.93 -11.76
N SER A 101 -29.17 2.42 -10.80
CA SER A 101 -29.64 3.50 -9.94
C SER A 101 -28.43 4.06 -9.21
N LEU A 102 -28.59 5.27 -8.67
CA LEU A 102 -27.52 5.92 -7.93
C LEU A 102 -27.11 5.07 -6.74
N GLU A 103 -28.11 4.51 -6.06
CA GLU A 103 -27.88 3.68 -4.88
C GLU A 103 -27.07 2.44 -5.23
N LYS A 104 -27.30 1.91 -6.42
CA LYS A 104 -26.58 0.71 -6.84
C LYS A 104 -25.14 1.09 -7.20
N PHE A 105 -24.98 2.26 -7.81
CA PHE A 105 -23.65 2.73 -8.15
C PHE A 105 -22.86 2.84 -6.84
N LYS A 106 -23.44 3.54 -5.86
CA LYS A 106 -22.77 3.73 -4.57
C LYS A 106 -22.34 2.38 -4.01
N GLU A 107 -23.29 1.46 -3.99
CA GLU A 107 -23.06 0.13 -3.50
C GLU A 107 -21.88 -0.52 -4.22
N ASP A 108 -21.90 -0.50 -5.55
CA ASP A 108 -20.81 -1.09 -6.32
C ASP A 108 -19.47 -0.38 -6.12
N PHE A 109 -19.51 0.95 -6.12
CA PHE A 109 -18.30 1.75 -5.96
C PHE A 109 -17.64 1.47 -4.62
N ILE A 110 -18.43 1.55 -3.56
CA ILE A 110 -17.91 1.32 -2.23
C ILE A 110 -17.36 -0.09 -2.06
N LYS A 111 -18.09 -1.09 -2.57
CA LYS A 111 -17.63 -2.47 -2.45
C LYS A 111 -16.29 -2.67 -3.15
N SER A 112 -16.14 -2.10 -4.33
CA SER A 112 -14.90 -2.20 -5.08
C SER A 112 -13.74 -1.51 -4.33
N ALA A 113 -14.04 -0.40 -3.68
CA ALA A 113 -13.03 0.35 -2.93
C ALA A 113 -12.65 -0.41 -1.66
N THR A 114 -13.61 -1.18 -1.15
CA THR A 114 -13.43 -1.96 0.06
C THR A 114 -12.52 -3.18 -0.14
N THR A 115 -12.66 -3.87 -1.26
CA THR A 115 -11.87 -5.07 -1.52
C THR A 115 -10.53 -4.85 -2.22
N LEU A 116 -10.29 -3.63 -2.73
CA LEU A 116 -9.02 -3.36 -3.38
C LEU A 116 -7.93 -3.72 -2.36
N PHE A 117 -7.08 -4.69 -2.69
CA PHE A 117 -6.05 -5.17 -1.78
C PHE A 117 -4.74 -4.37 -1.87
N GLY A 118 -4.18 -3.98 -0.72
CA GLY A 118 -2.95 -3.20 -0.75
C GLY A 118 -3.21 -1.74 -1.09
N SER A 119 -2.18 -1.01 -1.50
CA SER A 119 -2.34 0.40 -1.83
C SER A 119 -2.92 0.60 -3.23
N GLY A 120 -3.80 1.58 -3.36
CA GLY A 120 -4.39 1.84 -4.65
C GLY A 120 -5.45 2.91 -4.67
N TRP A 121 -6.16 2.98 -5.79
CA TRP A 121 -7.20 3.95 -5.98
C TRP A 121 -8.46 3.30 -6.54
N ASN A 122 -9.61 3.83 -6.17
CA ASN A 122 -10.88 3.31 -6.68
C ASN A 122 -11.55 4.39 -7.51
N TRP A 123 -11.62 4.17 -8.83
CA TRP A 123 -12.19 5.14 -9.76
C TRP A 123 -13.54 4.80 -10.38
N ALA A 124 -14.10 5.84 -11.00
CA ALA A 124 -15.33 5.80 -11.78
C ALA A 124 -14.75 6.53 -12.99
N ALA A 125 -14.57 5.84 -14.11
CA ALA A 125 -13.99 6.45 -15.29
C ALA A 125 -14.84 6.24 -16.54
N TYR A 126 -14.85 7.24 -17.41
CA TYR A 126 -15.61 7.19 -18.64
C TYR A 126 -14.82 6.47 -19.73
N ASN A 127 -15.41 5.42 -20.31
CA ASN A 127 -14.75 4.69 -21.39
C ASN A 127 -15.14 5.39 -22.69
N LEU A 128 -14.15 5.80 -23.47
CA LEU A 128 -14.45 6.50 -24.74
C LEU A 128 -15.00 5.58 -25.84
N ASP A 129 -14.53 4.34 -25.88
CA ASP A 129 -15.00 3.38 -26.88
C ASP A 129 -16.40 2.86 -26.57
N THR A 130 -16.62 2.55 -25.30
CA THR A 130 -17.90 2.02 -24.85
C THR A 130 -18.88 3.12 -24.49
N GLN A 131 -18.36 4.30 -24.20
CA GLN A 131 -19.17 5.46 -23.81
C GLN A 131 -19.97 5.08 -22.56
N LYS A 132 -19.38 4.19 -21.78
CA LYS A 132 -19.97 3.75 -20.53
C LYS A 132 -19.07 4.12 -19.37
N ILE A 133 -19.68 4.31 -18.19
CA ILE A 133 -18.92 4.64 -16.99
C ILE A 133 -18.55 3.33 -16.31
N GLU A 134 -17.26 3.12 -16.09
CA GLU A 134 -16.75 1.90 -15.44
C GLU A 134 -16.20 2.21 -14.05
N ILE A 135 -16.34 1.24 -13.14
CA ILE A 135 -15.79 1.36 -11.80
C ILE A 135 -14.47 0.58 -11.89
N ILE A 136 -13.36 1.29 -11.78
CA ILE A 136 -12.05 0.67 -11.94
C ILE A 136 -11.17 0.80 -10.71
N GLN A 137 -10.46 -0.28 -10.36
CA GLN A 137 -9.57 -0.20 -9.24
C GLN A 137 -8.15 -0.35 -9.74
N THR A 138 -7.26 0.55 -9.31
CA THR A 138 -5.87 0.51 -9.74
C THR A 138 -4.97 0.39 -8.53
N SER A 139 -3.84 -0.26 -8.73
CA SER A 139 -2.88 -0.47 -7.67
C SER A 139 -1.80 0.63 -7.60
N ASN A 140 -1.39 0.94 -6.38
CA ASN A 140 -0.35 1.92 -6.12
C ASN A 140 -0.56 3.26 -6.82
N ALA A 141 0.24 3.55 -7.85
CA ALA A 141 0.12 4.83 -8.54
C ALA A 141 -0.64 4.82 -9.86
N GLN A 142 -1.00 3.65 -10.36
CA GLN A 142 -1.71 3.56 -11.64
C GLN A 142 -2.99 4.38 -11.67
N THR A 143 -3.37 4.76 -12.89
CA THR A 143 -4.57 5.55 -13.09
C THR A 143 -5.13 5.23 -14.46
N PRO A 144 -6.47 5.14 -14.58
CA PRO A 144 -7.16 4.83 -15.84
C PRO A 144 -6.68 5.69 -17.01
N VAL A 145 -6.18 6.88 -16.72
CA VAL A 145 -5.71 7.77 -17.77
C VAL A 145 -4.76 7.07 -18.75
N THR A 146 -3.92 6.17 -18.25
CA THR A 146 -2.99 5.49 -19.15
C THR A 146 -3.69 4.45 -20.01
N ASP A 147 -4.97 4.21 -19.73
CA ASP A 147 -5.74 3.26 -20.53
C ASP A 147 -6.72 4.05 -21.36
N LYS A 148 -6.37 5.30 -21.61
CA LYS A 148 -7.21 6.17 -22.42
C LYS A 148 -8.60 6.38 -21.85
N LYS A 149 -8.77 6.27 -20.54
CA LYS A 149 -10.08 6.48 -19.92
C LYS A 149 -10.08 7.79 -19.11
N VAL A 150 -11.23 8.41 -18.98
CA VAL A 150 -11.31 9.67 -18.27
C VAL A 150 -11.88 9.55 -16.85
N PRO A 151 -11.05 9.88 -15.85
CA PRO A 151 -11.48 9.81 -14.44
C PRO A 151 -12.66 10.73 -14.18
N LEU A 152 -13.66 10.21 -13.49
CA LEU A 152 -14.83 11.02 -13.16
C LEU A 152 -14.88 11.20 -11.64
N LEU A 153 -14.40 10.19 -10.93
CA LEU A 153 -14.41 10.17 -9.47
C LEU A 153 -13.38 9.20 -8.94
N VAL A 154 -12.72 9.55 -7.85
CA VAL A 154 -11.73 8.64 -7.28
C VAL A 154 -11.66 8.82 -5.77
N VAL A 155 -11.28 7.73 -5.11
CA VAL A 155 -11.06 7.70 -3.67
C VAL A 155 -9.72 7.01 -3.46
N ASP A 156 -8.87 7.62 -2.64
CA ASP A 156 -7.54 7.13 -2.32
C ASP A 156 -7.73 6.04 -1.27
N VAL A 157 -7.20 4.84 -1.50
CA VAL A 157 -7.34 3.80 -0.49
C VAL A 157 -5.99 3.34 0.04
N TRP A 158 -4.95 4.13 -0.21
CA TRP A 158 -3.66 3.83 0.38
C TRP A 158 -3.98 4.00 1.86
N GLU A 159 -3.35 3.23 2.74
CA GLU A 159 -3.69 3.37 4.15
C GLU A 159 -3.43 4.76 4.71
N HIS A 160 -2.38 5.46 4.25
CA HIS A 160 -2.13 6.79 4.78
C HIS A 160 -3.29 7.74 4.55
N ALA A 161 -4.21 7.41 3.66
CA ALA A 161 -5.32 8.31 3.43
C ALA A 161 -6.36 8.29 4.53
N TYR A 162 -6.35 7.25 5.36
CA TYR A 162 -7.37 7.18 6.39
C TYR A 162 -6.93 6.66 7.74
N TYR A 163 -5.67 6.28 7.89
CA TYR A 163 -5.23 5.69 9.16
C TYR A 163 -5.32 6.61 10.36
N ILE A 164 -5.03 7.89 10.15
CA ILE A 164 -5.05 8.87 11.24
C ILE A 164 -6.40 9.00 11.91
N ASP A 165 -7.45 9.17 11.13
CA ASP A 165 -8.80 9.31 11.68
C ASP A 165 -9.58 8.00 11.80
N HIS A 166 -9.22 7.01 10.99
CA HIS A 166 -9.98 5.76 10.98
C HIS A 166 -9.23 4.46 11.24
N LYS A 167 -7.91 4.55 11.39
CA LYS A 167 -7.08 3.38 11.61
C LYS A 167 -7.37 2.37 10.51
N ASN A 168 -7.63 1.11 10.88
CA ASN A 168 -7.88 0.05 9.92
C ASN A 168 -9.29 0.02 9.31
N ALA A 169 -10.16 0.90 9.77
CA ALA A 169 -11.55 0.92 9.32
C ALA A 169 -11.83 1.57 7.98
N ARG A 170 -11.24 1.03 6.92
CA ARG A 170 -11.44 1.59 5.59
C ARG A 170 -12.93 1.76 5.26
N PRO A 171 -13.77 0.78 5.63
CA PRO A 171 -15.21 0.91 5.32
C PRO A 171 -15.85 2.17 5.87
N VAL A 172 -15.50 2.54 7.11
CA VAL A 172 -16.04 3.75 7.72
C VAL A 172 -15.54 4.93 6.92
N TYR A 173 -14.26 4.92 6.59
CA TYR A 173 -13.66 6.00 5.82
C TYR A 173 -14.38 6.12 4.45
N LEU A 174 -14.70 4.99 3.82
CA LEU A 174 -15.35 5.01 2.52
C LEU A 174 -16.76 5.58 2.58
N GLU A 175 -17.50 5.21 3.62
CA GLU A 175 -18.87 5.69 3.80
C GLU A 175 -18.86 7.20 4.03
N LYS A 176 -17.87 7.67 4.79
CA LYS A 176 -17.75 9.09 5.06
C LYS A 176 -17.37 9.83 3.77
N PHE A 177 -16.45 9.24 3.01
CA PHE A 177 -16.00 9.82 1.75
C PHE A 177 -17.22 10.07 0.89
N TYR A 178 -17.95 9.00 0.59
CA TYR A 178 -19.13 9.08 -0.26
C TYR A 178 -20.06 10.26 0.11
N GLY A 179 -20.27 10.50 1.40
CA GLY A 179 -21.12 11.61 1.82
C GLY A 179 -20.53 12.99 1.49
N HIS A 180 -19.24 13.03 1.17
CA HIS A 180 -18.57 14.28 0.83
C HIS A 180 -18.21 14.39 -0.63
N ILE A 181 -18.78 13.55 -1.48
CA ILE A 181 -18.46 13.62 -2.90
C ILE A 181 -18.94 14.90 -3.54
N ASN A 182 -18.02 15.54 -4.25
CA ASN A 182 -18.28 16.78 -4.95
C ASN A 182 -18.87 16.42 -6.32
N TRP A 183 -20.15 16.03 -6.32
CA TRP A 183 -20.83 15.66 -7.55
C TRP A 183 -20.76 16.75 -8.62
N HIS A 184 -20.75 18.01 -8.18
CA HIS A 184 -20.67 19.13 -9.10
C HIS A 184 -19.41 18.96 -9.96
N PHE A 185 -18.31 18.58 -9.31
CA PHE A 185 -17.05 18.36 -10.01
C PHE A 185 -17.13 17.08 -10.83
N VAL A 186 -17.75 16.04 -10.26
CA VAL A 186 -17.85 14.79 -11.02
C VAL A 186 -18.63 15.05 -12.31
N SER A 187 -19.61 15.95 -12.24
CA SER A 187 -20.44 16.28 -13.39
C SER A 187 -19.60 17.00 -14.44
N GLN A 188 -18.74 17.91 -14.00
CA GLN A 188 -17.87 18.63 -14.90
C GLN A 188 -17.02 17.65 -15.68
N CYS A 189 -16.38 16.75 -14.94
CA CYS A 189 -15.50 15.75 -15.55
C CYS A 189 -16.21 14.94 -16.61
N TYR A 190 -17.46 14.58 -16.33
CA TYR A 190 -18.25 13.78 -17.24
C TYR A 190 -18.54 14.57 -18.51
N GLU A 191 -19.14 15.74 -18.34
CA GLU A 191 -19.46 16.58 -19.48
C GLU A 191 -18.24 16.74 -20.38
N TRP A 192 -17.11 17.13 -19.81
CA TRP A 192 -15.92 17.32 -20.60
C TRP A 192 -15.29 16.04 -21.13
N ALA A 193 -15.58 14.92 -20.50
CA ALA A 193 -15.02 13.66 -21.00
C ALA A 193 -15.71 13.37 -22.32
N LYS A 194 -17.01 13.65 -22.37
CA LYS A 194 -17.82 13.42 -23.55
C LYS A 194 -17.47 14.39 -24.67
N LYS A 195 -17.16 15.64 -24.31
CA LYS A 195 -16.84 16.66 -25.29
C LYS A 195 -15.40 16.71 -25.77
N GLU A 196 -14.45 16.58 -24.86
CA GLU A 196 -13.04 16.65 -25.25
C GLU A 196 -12.31 15.34 -25.08
N GLY A 197 -13.02 14.32 -24.60
CA GLY A 197 -12.38 13.02 -24.39
C GLY A 197 -11.18 13.14 -23.47
N LEU A 198 -10.16 12.35 -23.74
CA LEU A 198 -8.96 12.38 -22.92
C LEU A 198 -8.30 13.76 -22.90
N GLY A 199 -8.75 14.64 -23.79
CA GLY A 199 -8.20 15.98 -23.85
C GLY A 199 -8.65 16.80 -22.64
N SER A 200 -9.79 16.45 -22.06
CA SER A 200 -10.29 17.17 -20.89
C SER A 200 -9.32 17.02 -19.73
N VAL A 201 -8.68 15.86 -19.66
CA VAL A 201 -7.70 15.56 -18.61
C VAL A 201 -6.50 16.49 -18.78
N ASP A 202 -6.07 16.63 -20.02
CA ASP A 202 -4.95 17.50 -20.37
C ASP A 202 -5.25 18.91 -19.88
N TYR A 203 -6.43 19.41 -20.24
CA TYR A 203 -6.85 20.74 -19.84
C TYR A 203 -6.89 20.86 -18.32
N TYR A 204 -7.50 19.86 -17.67
CA TYR A 204 -7.62 19.82 -16.21
C TYR A 204 -6.26 20.01 -15.53
N ILE A 205 -5.28 19.23 -15.96
CA ILE A 205 -3.94 19.30 -15.40
C ILE A 205 -3.18 20.60 -15.72
N ASN A 206 -2.98 20.86 -17.00
CA ASN A 206 -2.21 22.02 -17.44
C ASN A 206 -2.86 23.36 -17.35
N GLU A 207 -4.18 23.40 -17.51
CA GLU A 207 -4.85 24.68 -17.52
C GLU A 207 -5.51 25.16 -16.24
N LEU A 208 -5.98 24.25 -15.40
CA LEU A 208 -6.64 24.71 -14.20
C LEU A 208 -6.04 24.28 -12.87
N VAL A 209 -5.05 23.40 -12.87
CA VAL A 209 -4.44 23.02 -11.60
C VAL A 209 -2.98 23.46 -11.57
N HIS A 210 -2.25 23.02 -12.58
CA HIS A 210 -0.82 23.33 -12.69
C HIS A 210 -0.51 24.36 -13.75
N LYS A 211 -1.35 25.39 -13.83
CA LYS A 211 -1.12 26.46 -14.79
C LYS A 211 0.13 27.15 -14.24
N LYS A 212 1.20 27.18 -15.04
CA LYS A 212 2.42 27.82 -14.57
C LYS A 212 2.14 29.28 -14.21
N LEU A 213 2.00 29.52 -12.91
CA LEU A 213 1.72 30.85 -12.39
C LEU A 213 0.33 31.31 -12.84
N MET B 1 -8.40 -24.59 10.15
CA MET B 1 -8.66 -23.29 10.82
C MET B 1 -7.66 -22.93 11.88
N PHE B 2 -7.00 -21.81 11.60
CA PHE B 2 -5.95 -21.30 12.44
C PHE B 2 -6.35 -20.27 13.48
N THR B 3 -5.44 -20.07 14.42
CA THR B 3 -5.67 -19.13 15.48
C THR B 3 -4.48 -18.17 15.52
N LEU B 4 -4.75 -16.91 15.85
CA LEU B 4 -3.71 -15.89 15.91
C LEU B 4 -2.61 -16.27 16.89
N ARG B 5 -1.35 -16.15 16.47
CA ARG B 5 -0.26 -16.47 17.36
C ARG B 5 -0.13 -15.42 18.44
N GLU B 6 0.48 -15.82 19.54
CA GLU B 6 0.75 -14.97 20.68
C GLU B 6 1.97 -14.15 20.28
N LEU B 7 2.03 -12.89 20.69
CA LEU B 7 3.19 -12.06 20.38
C LEU B 7 4.36 -12.64 21.21
N PRO B 8 5.54 -12.78 20.59
CA PRO B 8 6.69 -13.34 21.31
C PRO B 8 7.38 -12.41 22.30
N PHE B 9 6.73 -11.32 22.66
CA PHE B 9 7.32 -10.37 23.60
C PHE B 9 6.17 -9.53 24.15
N ALA B 10 6.44 -8.67 25.13
CA ALA B 10 5.38 -7.83 25.72
C ALA B 10 5.15 -6.58 24.86
N LYS B 11 3.90 -6.17 24.74
CA LYS B 11 3.56 -5.00 23.93
C LYS B 11 4.23 -3.70 24.31
N ASP B 12 4.75 -3.62 25.55
CA ASP B 12 5.41 -2.42 26.04
C ASP B 12 6.92 -2.57 26.12
N SER B 13 7.46 -3.58 25.47
CA SER B 13 8.90 -3.83 25.54
C SER B 13 9.78 -3.14 24.51
N MET B 14 9.20 -2.38 23.59
CA MET B 14 10.01 -1.70 22.57
C MET B 14 9.53 -0.27 22.32
N GLY B 15 9.48 0.52 23.39
CA GLY B 15 8.99 1.88 23.33
C GLY B 15 9.63 2.89 22.40
N ASP B 16 10.85 2.63 21.96
CA ASP B 16 11.52 3.55 21.05
C ASP B 16 11.12 3.23 19.60
N PHE B 17 10.36 2.14 19.42
CA PHE B 17 10.02 1.66 18.09
C PHE B 17 8.50 1.53 17.85
N LEU B 18 7.85 0.70 18.64
CA LEU B 18 6.41 0.55 18.51
C LEU B 18 5.80 0.63 19.89
N SER B 19 4.62 1.25 19.95
CA SER B 19 3.91 1.41 21.20
C SER B 19 2.86 0.31 21.35
N PRO B 20 2.39 0.10 22.59
CA PRO B 20 1.38 -0.92 22.86
C PRO B 20 0.18 -0.79 21.93
N VAL B 21 -0.27 0.44 21.69
CA VAL B 21 -1.39 0.69 20.80
C VAL B 21 -1.07 0.23 19.37
N ALA B 22 0.15 0.49 18.92
CA ALA B 22 0.56 0.09 17.57
C ALA B 22 0.36 -1.43 17.47
N PHE B 23 0.79 -2.14 18.53
CA PHE B 23 0.63 -3.59 18.56
C PHE B 23 -0.83 -4.02 18.59
N ASP B 24 -1.64 -3.32 19.40
CA ASP B 24 -3.08 -3.66 19.49
C ASP B 24 -3.69 -3.67 18.09
N PHE B 25 -3.35 -2.66 17.31
CA PHE B 25 -3.90 -2.58 15.96
C PHE B 25 -3.24 -3.51 14.95
N HIS B 26 -1.91 -3.53 14.91
CA HIS B 26 -1.22 -4.35 13.92
C HIS B 26 -1.45 -5.84 14.15
N HIS B 27 -1.16 -6.32 15.35
CA HIS B 27 -1.35 -7.72 15.70
C HIS B 27 -2.80 -8.03 15.99
N GLY B 28 -3.35 -7.35 17.00
CA GLY B 28 -4.72 -7.57 17.43
C GLY B 28 -5.82 -7.35 16.42
N LYS B 29 -5.59 -6.54 15.41
CA LYS B 29 -6.62 -6.31 14.41
C LYS B 29 -6.26 -6.75 13.00
N HIS B 30 -5.18 -6.21 12.44
CA HIS B 30 -4.79 -6.59 11.08
C HIS B 30 -4.48 -8.08 10.98
N HIS B 31 -3.52 -8.54 11.78
CA HIS B 31 -3.11 -9.93 11.79
C HIS B 31 -4.33 -10.81 12.11
N GLN B 32 -5.06 -10.47 13.16
CA GLN B 32 -6.27 -11.21 13.53
C GLN B 32 -7.22 -11.32 12.35
N THR B 33 -7.38 -10.23 11.61
CA THR B 33 -8.29 -10.22 10.47
C THR B 33 -7.86 -11.15 9.34
N TYR B 34 -6.56 -11.33 9.14
CA TYR B 34 -6.08 -12.23 8.10
C TYR B 34 -6.38 -13.68 8.49
N VAL B 35 -6.22 -13.97 9.77
CA VAL B 35 -6.51 -15.29 10.30
C VAL B 35 -8.00 -15.58 10.08
N ASN B 36 -8.86 -14.68 10.57
CA ASN B 36 -10.30 -14.88 10.42
C ASN B 36 -10.73 -14.98 8.96
N ASN B 37 -10.13 -14.16 8.10
CA ASN B 37 -10.49 -14.22 6.69
C ASN B 37 -10.09 -15.54 6.05
N LEU B 38 -8.92 -16.07 6.40
CA LEU B 38 -8.51 -17.34 5.81
C LEU B 38 -9.47 -18.40 6.28
N ASN B 39 -9.70 -18.49 7.59
CA ASN B 39 -10.60 -19.51 8.15
C ASN B 39 -11.95 -19.50 7.42
N ASN B 40 -12.52 -18.31 7.23
CA ASN B 40 -13.80 -18.19 6.56
C ASN B 40 -13.75 -18.58 5.09
N LEU B 41 -12.64 -18.29 4.42
CA LEU B 41 -12.46 -18.60 3.01
C LEU B 41 -12.21 -20.09 2.68
N ILE B 42 -11.51 -20.79 3.56
CA ILE B 42 -11.22 -22.19 3.31
C ILE B 42 -12.36 -23.13 3.72
N LYS B 43 -13.23 -22.66 4.60
CA LYS B 43 -14.36 -23.46 5.06
C LYS B 43 -15.11 -24.10 3.88
N GLY B 44 -15.10 -25.43 3.81
CA GLY B 44 -15.77 -26.12 2.73
C GLY B 44 -14.97 -26.19 1.44
N THR B 45 -13.65 -26.10 1.52
CA THR B 45 -12.82 -26.17 0.32
C THR B 45 -11.68 -27.14 0.50
N ASP B 46 -10.89 -27.30 -0.56
CA ASP B 46 -9.76 -28.20 -0.56
C ASP B 46 -8.75 -27.93 0.54
N PHE B 47 -8.78 -26.73 1.10
CA PHE B 47 -7.82 -26.35 2.13
C PHE B 47 -8.35 -26.36 3.55
N GLU B 48 -9.66 -26.55 3.70
CA GLU B 48 -10.26 -26.52 5.03
C GLU B 48 -9.47 -27.27 6.09
N LYS B 49 -8.64 -28.21 5.68
CA LYS B 49 -7.85 -28.97 6.64
C LYS B 49 -6.36 -28.97 6.31
N SER B 50 -6.00 -28.22 5.26
CA SER B 50 -4.59 -28.12 4.85
C SER B 50 -3.78 -27.32 5.86
N SER B 51 -2.45 -27.48 5.81
CA SER B 51 -1.60 -26.72 6.72
C SER B 51 -1.36 -25.36 6.06
N LEU B 52 -0.93 -24.39 6.85
CA LEU B 52 -0.70 -23.04 6.32
C LEU B 52 0.36 -23.11 5.24
N PHE B 53 1.40 -23.88 5.51
CA PHE B 53 2.49 -24.04 4.55
C PHE B 53 1.93 -24.57 3.23
N ALA B 54 1.00 -25.51 3.34
CA ALA B 54 0.36 -26.09 2.19
C ALA B 54 -0.37 -25.00 1.42
N ILE B 55 -1.33 -24.37 2.09
CA ILE B 55 -2.14 -23.29 1.48
C ILE B 55 -1.25 -22.18 0.95
N LEU B 56 -0.24 -21.80 1.73
CA LEU B 56 0.69 -20.75 1.33
C LEU B 56 1.38 -21.05 -0.01
N THR B 57 1.93 -22.26 -0.14
CA THR B 57 2.66 -22.65 -1.34
C THR B 57 1.78 -23.14 -2.49
N LYS B 58 0.51 -23.41 -2.22
CA LYS B 58 -0.36 -23.93 -3.28
C LYS B 58 -1.52 -23.05 -3.71
N SER B 59 -2.02 -22.21 -2.82
CA SER B 59 -3.18 -21.38 -3.15
C SER B 59 -2.86 -20.12 -3.95
N SER B 60 -3.90 -19.33 -4.19
CA SER B 60 -3.78 -18.09 -4.93
C SER B 60 -5.02 -17.26 -4.63
N GLY B 61 -5.10 -16.06 -5.21
CA GLY B 61 -6.24 -15.20 -4.97
C GLY B 61 -6.33 -14.73 -3.52
N GLY B 62 -7.54 -14.55 -3.04
CA GLY B 62 -7.74 -14.11 -1.68
C GLY B 62 -7.18 -15.10 -0.67
N VAL B 63 -7.43 -16.37 -0.91
CA VAL B 63 -6.94 -17.40 0.00
C VAL B 63 -5.44 -17.20 0.19
N PHE B 64 -4.74 -16.92 -0.90
CA PHE B 64 -3.31 -16.72 -0.79
C PHE B 64 -3.00 -15.45 -0.02
N ASN B 65 -3.64 -14.37 -0.43
CA ASN B 65 -3.42 -13.08 0.22
C ASN B 65 -3.46 -13.23 1.73
N ASN B 66 -4.54 -13.80 2.23
CA ASN B 66 -4.68 -14.00 3.67
C ASN B 66 -3.68 -14.98 4.23
N ALA B 67 -3.48 -16.10 3.55
CA ALA B 67 -2.56 -17.12 4.05
C ALA B 67 -1.16 -16.55 4.18
N ALA B 68 -0.70 -15.91 3.10
CA ALA B 68 0.63 -15.32 3.08
C ALA B 68 0.75 -14.23 4.16
N GLN B 69 -0.24 -13.33 4.24
CA GLN B 69 -0.19 -12.28 5.26
C GLN B 69 -0.04 -12.88 6.66
N ILE B 70 -0.71 -14.00 6.92
CA ILE B 70 -0.60 -14.61 8.25
C ILE B 70 0.86 -15.02 8.46
N TYR B 71 1.44 -15.61 7.43
CA TYR B 71 2.83 -16.06 7.53
C TYR B 71 3.81 -14.90 7.69
N ASN B 72 3.70 -13.93 6.79
CA ASN B 72 4.58 -12.76 6.82
C ASN B 72 4.60 -12.09 8.19
N HIS B 73 3.42 -11.88 8.78
CA HIS B 73 3.36 -11.24 10.09
C HIS B 73 3.96 -12.12 11.16
N ASP B 74 3.63 -13.41 11.14
CA ASP B 74 4.18 -14.34 12.13
C ASP B 74 5.70 -14.23 12.07
N PHE B 75 6.24 -14.24 10.85
CA PHE B 75 7.69 -14.17 10.67
C PHE B 75 8.25 -12.83 11.16
N TYR B 76 7.54 -11.77 10.83
CA TYR B 76 7.90 -10.41 11.23
C TYR B 76 8.01 -10.32 12.75
N TRP B 77 7.00 -10.82 13.46
CA TRP B 77 7.05 -10.75 14.93
C TRP B 77 8.29 -11.44 15.53
N ASP B 78 8.65 -12.59 14.99
CA ASP B 78 9.84 -13.31 15.48
C ASP B 78 11.14 -12.61 15.14
N CYS B 79 11.10 -11.70 14.17
CA CYS B 79 12.31 -10.97 13.77
C CYS B 79 12.60 -9.82 14.69
N LEU B 80 11.67 -9.57 15.61
CA LEU B 80 11.78 -8.48 16.57
C LEU B 80 12.15 -8.97 17.97
N SER B 81 12.93 -8.16 18.67
CA SER B 81 13.31 -8.49 20.04
C SER B 81 13.52 -7.24 20.90
N PRO B 82 13.07 -7.27 22.16
CA PRO B 82 13.21 -6.14 23.10
C PRO B 82 14.67 -5.73 23.28
N LYS B 83 15.52 -6.74 23.47
CA LYS B 83 16.95 -6.55 23.65
C LYS B 83 17.78 -7.16 22.49
N ALA B 84 18.92 -6.54 22.22
CA ALA B 84 19.79 -7.03 21.17
C ALA B 84 20.34 -8.42 21.47
N THR B 85 20.46 -9.22 20.42
CA THR B 85 20.98 -10.59 20.50
C THR B 85 22.11 -10.63 19.49
N ALA B 86 23.00 -11.60 19.64
CA ALA B 86 24.14 -11.69 18.72
C ALA B 86 23.89 -12.59 17.53
N LEU B 87 24.62 -12.31 16.46
CA LEU B 87 24.52 -13.10 15.25
C LEU B 87 25.39 -14.35 15.41
N SER B 88 24.98 -15.44 14.81
CA SER B 88 25.78 -16.66 14.86
C SER B 88 26.98 -16.31 13.99
N ASP B 89 28.10 -16.97 14.21
CA ASP B 89 29.28 -16.68 13.40
C ASP B 89 29.04 -17.00 11.93
N GLU B 90 28.26 -18.03 11.65
CA GLU B 90 27.97 -18.40 10.27
C GLU B 90 27.19 -17.30 9.55
N LEU B 91 26.16 -16.77 10.21
CA LEU B 91 25.34 -15.71 9.63
C LEU B 91 26.22 -14.50 9.43
N LYS B 92 27.00 -14.17 10.44
CA LYS B 92 27.88 -13.01 10.29
C LYS B 92 28.79 -13.20 9.08
N GLY B 93 29.45 -14.35 9.01
CA GLY B 93 30.34 -14.62 7.91
C GLY B 93 29.62 -14.52 6.58
N ALA B 94 28.45 -15.15 6.50
CA ALA B 94 27.66 -15.14 5.29
C ALA B 94 27.29 -13.72 4.83
N LEU B 95 26.95 -12.87 5.80
CA LEU B 95 26.55 -11.51 5.49
C LEU B 95 27.73 -10.67 5.00
N GLU B 96 28.88 -10.85 5.63
CA GLU B 96 30.07 -10.12 5.23
C GLU B 96 30.51 -10.58 3.84
N LYS B 97 30.31 -11.85 3.54
CA LYS B 97 30.69 -12.39 2.24
C LYS B 97 29.76 -11.88 1.16
N ASP B 98 28.47 -12.00 1.41
CA ASP B 98 27.49 -11.58 0.43
C ASP B 98 27.25 -10.09 0.35
N PHE B 99 27.70 -9.34 1.35
CA PHE B 99 27.48 -7.89 1.34
C PHE B 99 28.69 -7.02 1.63
N GLY B 100 29.83 -7.63 1.96
CA GLY B 100 31.01 -6.84 2.25
C GLY B 100 31.25 -6.64 3.73
N SER B 101 30.19 -6.23 4.44
CA SER B 101 30.25 -6.00 5.88
C SER B 101 28.83 -5.91 6.43
N LEU B 102 28.70 -6.07 7.74
CA LEU B 102 27.40 -5.95 8.39
C LEU B 102 26.83 -4.55 8.15
N GLU B 103 27.69 -3.54 8.21
CA GLU B 103 27.26 -2.17 8.02
C GLU B 103 26.71 -1.94 6.62
N LYS B 104 27.32 -2.60 5.62
CA LYS B 104 26.87 -2.45 4.26
C LYS B 104 25.55 -3.19 4.07
N PHE B 105 25.42 -4.35 4.72
CA PHE B 105 24.18 -5.09 4.61
C PHE B 105 23.03 -4.21 5.16
N LYS B 106 23.25 -3.62 6.34
CA LYS B 106 22.26 -2.74 6.95
C LYS B 106 21.87 -1.65 5.98
N GLU B 107 22.87 -0.93 5.50
CA GLU B 107 22.67 0.13 4.54
C GLU B 107 21.83 -0.37 3.36
N ASP B 108 22.21 -1.50 2.77
CA ASP B 108 21.47 -2.02 1.64
C ASP B 108 20.05 -2.45 1.98
N PHE B 109 19.91 -3.10 3.14
CA PHE B 109 18.60 -3.58 3.58
C PHE B 109 17.64 -2.41 3.83
N ILE B 110 18.11 -1.43 4.58
CA ILE B 110 17.31 -0.26 4.87
C ILE B 110 16.96 0.53 3.60
N LYS B 111 17.94 0.77 2.73
CA LYS B 111 17.64 1.51 1.50
C LYS B 111 16.56 0.82 0.67
N SER B 112 16.65 -0.50 0.55
CA SER B 112 15.69 -1.27 -0.21
C SER B 112 14.29 -1.19 0.44
N ALA B 113 14.23 -1.19 1.77
CA ALA B 113 12.94 -1.11 2.45
C ALA B 113 12.41 0.32 2.35
N THR B 114 13.32 1.27 2.16
CA THR B 114 12.92 2.67 2.04
C THR B 114 12.28 3.01 0.70
N THR B 115 12.79 2.44 -0.37
CA THR B 115 12.27 2.72 -1.71
C THR B 115 11.11 1.84 -2.19
N LEU B 116 10.83 0.74 -1.48
CA LEU B 116 9.74 -0.12 -1.90
C LEU B 116 8.50 0.77 -1.96
N PHE B 117 7.90 0.85 -3.13
CA PHE B 117 6.73 1.70 -3.38
C PHE B 117 5.42 0.99 -3.06
N GLY B 118 4.49 1.67 -2.41
CA GLY B 118 3.22 1.05 -2.06
C GLY B 118 3.36 0.06 -0.93
N SER B 119 2.39 -0.83 -0.74
CA SER B 119 2.44 -1.82 0.36
C SER B 119 3.34 -2.98 0.00
N GLY B 120 4.02 -3.53 1.00
CA GLY B 120 4.92 -4.65 0.74
C GLY B 120 5.78 -5.08 1.91
N TRP B 121 6.77 -5.92 1.62
CA TRP B 121 7.69 -6.44 2.62
C TRP B 121 9.11 -6.40 2.10
N ASN B 122 10.07 -6.13 2.99
CA ASN B 122 11.47 -6.10 2.59
C ASN B 122 12.20 -7.24 3.28
N TRP B 123 12.62 -8.23 2.51
CA TRP B 123 13.30 -9.42 3.04
C TRP B 123 14.78 -9.58 2.80
N ALA B 124 15.35 -10.51 3.55
CA ALA B 124 16.73 -10.97 3.42
C ALA B 124 16.37 -12.45 3.28
N ALA B 125 16.60 -13.04 2.11
CA ALA B 125 16.25 -14.45 1.89
C ALA B 125 17.42 -15.27 1.36
N TYR B 126 17.47 -16.55 1.76
CA TYR B 126 18.53 -17.44 1.32
C TYR B 126 18.19 -18.13 0.00
N ASN B 127 19.03 -17.91 -1.01
CA ASN B 127 18.82 -18.53 -2.31
C ASN B 127 19.43 -19.93 -2.26
N LEU B 128 18.63 -20.97 -2.52
CA LEU B 128 19.12 -22.35 -2.47
C LEU B 128 20.06 -22.72 -3.63
N ASP B 129 19.82 -22.16 -4.81
CA ASP B 129 20.63 -22.44 -5.98
C ASP B 129 21.96 -21.68 -5.92
N THR B 130 21.87 -20.42 -5.53
CA THR B 130 23.03 -19.57 -5.42
C THR B 130 23.75 -19.70 -4.10
N GLN B 131 23.03 -20.17 -3.09
CA GLN B 131 23.59 -20.32 -1.75
C GLN B 131 24.09 -18.96 -1.26
N LYS B 132 23.41 -17.92 -1.71
CA LYS B 132 23.72 -16.56 -1.32
C LYS B 132 22.49 -15.94 -0.68
N ILE B 133 22.72 -14.95 0.17
CA ILE B 133 21.65 -14.22 0.84
C ILE B 133 21.30 -13.02 -0.03
N GLU B 134 20.04 -12.92 -0.42
CA GLU B 134 19.56 -11.82 -1.25
C GLU B 134 18.60 -10.91 -0.47
N ILE B 135 18.60 -9.63 -0.83
CA ILE B 135 17.71 -8.66 -0.23
C ILE B 135 16.63 -8.55 -1.29
N ILE B 136 15.41 -8.93 -0.92
CA ILE B 136 14.30 -8.94 -1.85
C ILE B 136 13.13 -8.12 -1.37
N GLN B 137 12.52 -7.35 -2.26
CA GLN B 137 11.36 -6.60 -1.86
C GLN B 137 10.17 -7.18 -2.58
N THR B 138 9.08 -7.43 -1.85
CA THR B 138 7.88 -7.98 -2.45
C THR B 138 6.72 -7.03 -2.20
N SER B 139 5.77 -7.05 -3.11
CA SER B 139 4.62 -6.18 -3.02
C SER B 139 3.42 -6.86 -2.34
N ASN B 140 2.64 -6.05 -1.64
CA ASN B 140 1.45 -6.53 -0.94
C ASN B 140 1.65 -7.79 -0.08
N ALA B 141 1.09 -8.90 -0.52
CA ALA B 141 1.19 -10.15 0.25
C ALA B 141 2.28 -11.13 -0.19
N GLN B 142 2.89 -10.89 -1.35
CA GLN B 142 3.92 -11.81 -1.82
C GLN B 142 5.04 -12.06 -0.82
N THR B 143 5.67 -13.21 -0.98
CA THR B 143 6.78 -13.60 -0.12
C THR B 143 7.73 -14.48 -0.92
N PRO B 144 9.05 -14.34 -0.69
CA PRO B 144 10.07 -15.12 -1.39
C PRO B 144 9.83 -16.64 -1.34
N VAL B 145 9.10 -17.10 -0.34
CA VAL B 145 8.82 -18.52 -0.22
C VAL B 145 8.26 -19.13 -1.51
N THR B 146 7.41 -18.41 -2.23
CA THR B 146 6.85 -18.95 -3.45
C THR B 146 7.86 -18.96 -4.58
N ASP B 147 9.05 -18.46 -4.33
CA ASP B 147 10.11 -18.48 -5.33
C ASP B 147 11.17 -19.44 -4.85
N LYS B 148 10.77 -20.35 -3.96
CA LYS B 148 11.68 -21.34 -3.43
C LYS B 148 12.84 -20.74 -2.64
N LYS B 149 12.63 -19.57 -2.04
CA LYS B 149 13.70 -18.97 -1.24
C LYS B 149 13.30 -19.01 0.24
N VAL B 150 14.29 -19.03 1.12
CA VAL B 150 14.02 -19.09 2.54
C VAL B 150 14.23 -17.77 3.27
N PRO B 151 13.13 -17.22 3.82
CA PRO B 151 13.17 -15.95 4.55
C PRO B 151 14.10 -16.03 5.73
N LEU B 152 14.94 -15.02 5.90
CA LEU B 152 15.84 -14.99 7.04
C LEU B 152 15.48 -13.79 7.93
N LEU B 153 15.00 -12.72 7.30
CA LEU B 153 14.63 -11.49 8.00
C LEU B 153 13.63 -10.72 7.15
N VAL B 154 12.67 -10.09 7.80
CA VAL B 154 11.68 -9.28 7.07
C VAL B 154 11.19 -8.10 7.89
N VAL B 155 10.85 -7.03 7.20
CA VAL B 155 10.29 -5.86 7.84
C VAL B 155 9.05 -5.52 7.00
N ASP B 156 7.93 -5.32 7.68
CA ASP B 156 6.65 -4.97 7.09
C ASP B 156 6.70 -3.48 6.73
N VAL B 157 6.44 -3.12 5.47
CA VAL B 157 6.43 -1.71 5.11
C VAL B 157 5.07 -1.21 4.66
N TRP B 158 4.03 -2.02 4.93
CA TRP B 158 2.68 -1.53 4.66
C TRP B 158 2.59 -0.34 5.64
N GLU B 159 1.95 0.75 5.23
CA GLU B 159 1.87 1.92 6.09
C GLU B 159 1.26 1.63 7.45
N HIS B 160 0.34 0.67 7.53
CA HIS B 160 -0.27 0.39 8.83
C HIS B 160 0.74 -0.14 9.83
N ALA B 161 1.92 -0.55 9.37
CA ALA B 161 2.91 -1.06 10.32
C ALA B 161 3.62 0.04 11.07
N TYR B 162 3.56 1.26 10.56
CA TYR B 162 4.25 2.34 11.24
C TYR B 162 3.56 3.70 11.34
N TYR B 163 2.39 3.84 10.73
CA TYR B 163 1.71 5.12 10.77
C TYR B 163 1.33 5.66 12.15
N ILE B 164 0.92 4.79 13.07
CA ILE B 164 0.54 5.22 14.41
C ILE B 164 1.66 5.92 15.16
N ASP B 165 2.84 5.33 15.21
CA ASP B 165 3.97 5.94 15.93
C ASP B 165 4.87 6.81 15.08
N HIS B 166 4.84 6.63 13.77
CA HIS B 166 5.74 7.36 12.89
C HIS B 166 5.12 8.09 11.70
N LYS B 167 3.81 7.98 11.55
CA LYS B 167 3.11 8.60 10.42
C LYS B 167 3.88 8.26 9.15
N ASN B 168 4.18 9.27 8.33
CA ASN B 168 4.86 9.06 7.06
C ASN B 168 6.37 8.81 7.15
N ALA B 169 6.93 8.94 8.34
CA ALA B 169 8.38 8.76 8.49
C ALA B 169 8.90 7.31 8.47
N ARG B 170 8.68 6.60 7.36
CA ARG B 170 9.12 5.20 7.27
C ARG B 170 10.61 5.05 7.60
N PRO B 171 11.44 6.02 7.18
CA PRO B 171 12.86 5.88 7.49
C PRO B 171 13.14 5.74 8.99
N VAL B 172 12.50 6.58 9.79
CA VAL B 172 12.67 6.51 11.24
C VAL B 172 12.22 5.15 11.72
N TYR B 173 11.09 4.69 11.23
CA TYR B 173 10.55 3.39 11.60
C TYR B 173 11.56 2.27 11.25
N LEU B 174 12.17 2.37 10.06
CA LEU B 174 13.11 1.36 9.64
C LEU B 174 14.35 1.33 10.54
N GLU B 175 14.87 2.51 10.86
CA GLU B 175 16.04 2.62 11.71
C GLU B 175 15.75 2.00 13.09
N LYS B 176 14.56 2.27 13.62
CA LYS B 176 14.19 1.73 14.92
C LYS B 176 14.01 0.22 14.83
N PHE B 177 13.46 -0.25 13.71
CA PHE B 177 13.29 -1.68 13.50
C PHE B 177 14.65 -2.39 13.54
N TYR B 178 15.58 -1.91 12.70
CA TYR B 178 16.91 -2.51 12.64
C TYR B 178 17.53 -2.69 14.03
N GLY B 179 17.37 -1.69 14.90
CA GLY B 179 17.92 -1.79 16.24
C GLY B 179 17.32 -2.91 17.07
N HIS B 180 16.14 -3.38 16.70
CA HIS B 180 15.47 -4.45 17.43
C HIS B 180 15.45 -5.79 16.72
N ILE B 181 16.28 -5.95 15.69
CA ILE B 181 16.30 -7.22 14.99
C ILE B 181 16.76 -8.33 15.91
N ASN B 182 16.00 -9.42 15.88
CA ASN B 182 16.27 -10.61 16.67
C ASN B 182 17.30 -11.46 15.90
N TRP B 183 18.55 -11.04 15.91
CA TRP B 183 19.60 -11.75 15.20
C TRP B 183 19.68 -13.21 15.55
N HIS B 184 19.32 -13.53 16.78
CA HIS B 184 19.35 -14.91 17.22
C HIS B 184 18.40 -15.73 16.33
N PHE B 185 17.20 -15.20 16.11
CA PHE B 185 16.22 -15.87 15.27
C PHE B 185 16.66 -15.84 13.80
N VAL B 186 17.25 -14.74 13.36
CA VAL B 186 17.71 -14.65 11.96
C VAL B 186 18.77 -15.75 11.77
N SER B 187 19.56 -15.99 12.81
CA SER B 187 20.60 -17.00 12.74
C SER B 187 19.98 -18.39 12.61
N GLN B 188 18.92 -18.64 13.39
CA GLN B 188 18.23 -19.93 13.30
C GLN B 188 17.75 -20.19 11.90
N CYS B 189 17.04 -19.22 11.35
CA CYS B 189 16.50 -19.32 10.00
C CYS B 189 17.57 -19.65 8.96
N TYR B 190 18.74 -19.07 9.11
CA TYR B 190 19.84 -19.30 8.18
C TYR B 190 20.32 -20.74 8.31
N GLU B 191 20.74 -21.10 9.52
CA GLU B 191 21.20 -22.44 9.81
C GLU B 191 20.26 -23.50 9.20
N TRP B 192 18.98 -23.40 9.51
CA TRP B 192 18.03 -24.37 8.99
C TRP B 192 17.74 -24.24 7.50
N ALA B 193 17.95 -23.07 6.91
CA ALA B 193 17.71 -22.90 5.49
C ALA B 193 18.78 -23.72 4.76
N LYS B 194 19.99 -23.72 5.34
CA LYS B 194 21.12 -24.44 4.79
C LYS B 194 20.96 -25.94 4.97
N LYS B 195 20.39 -26.35 6.10
CA LYS B 195 20.21 -27.77 6.40
C LYS B 195 18.94 -28.41 5.83
N GLU B 196 17.81 -27.74 5.94
CA GLU B 196 16.57 -28.32 5.44
C GLU B 196 16.00 -27.57 4.26
N GLY B 197 16.69 -26.53 3.81
CA GLY B 197 16.17 -25.76 2.69
C GLY B 197 14.76 -25.23 2.94
N LEU B 198 13.94 -25.25 1.90
CA LEU B 198 12.58 -24.76 2.00
C LEU B 198 11.77 -25.56 3.03
N GLY B 199 12.31 -26.70 3.44
CA GLY B 199 11.62 -27.52 4.41
C GLY B 199 11.65 -26.89 5.79
N SER B 200 12.64 -26.04 6.04
CA SER B 200 12.74 -25.38 7.33
C SER B 200 11.54 -24.42 7.54
N VAL B 201 11.03 -23.88 6.43
CA VAL B 201 9.89 -22.97 6.47
C VAL B 201 8.66 -23.79 6.90
N ASP B 202 8.50 -24.96 6.27
CA ASP B 202 7.39 -25.88 6.57
C ASP B 202 7.41 -26.14 8.08
N TYR B 203 8.57 -26.53 8.58
CA TYR B 203 8.75 -26.83 9.99
C TYR B 203 8.37 -25.61 10.84
N TYR B 204 8.91 -24.45 10.47
CA TYR B 204 8.64 -23.21 11.18
C TYR B 204 7.14 -22.96 11.34
N ILE B 205 6.41 -23.01 10.22
CA ILE B 205 4.98 -22.80 10.26
C ILE B 205 4.25 -23.87 11.08
N ASN B 206 4.57 -25.13 10.83
CA ASN B 206 3.90 -26.20 11.55
C ASN B 206 4.43 -26.58 12.92
N GLU B 207 5.74 -26.60 13.12
CA GLU B 207 6.23 -26.98 14.44
C GLU B 207 6.63 -25.83 15.35
N LEU B 208 6.81 -24.65 14.78
CA LEU B 208 7.21 -23.52 15.62
C LEU B 208 6.11 -22.48 15.86
N VAL B 209 5.02 -22.56 15.10
CA VAL B 209 3.94 -21.61 15.30
C VAL B 209 2.57 -22.29 15.33
N HIS B 210 2.09 -22.72 14.17
CA HIS B 210 0.78 -23.37 14.07
C HIS B 210 0.84 -24.89 14.18
FE FE C . -2.65 9.38 -0.85
S SO4 D . -19.03 13.58 8.38
O1 SO4 D . -20.48 13.47 8.09
O2 SO4 D . -18.25 12.94 7.29
O3 SO4 D . -18.66 15.00 8.48
O4 SO4 D . -18.71 12.89 9.64
FE FE E . 1.26 -5.60 8.50
#